data_4U32
#
_entry.id   4U32
#
_cell.length_a   37.194
_cell.length_b   70.190
_cell.length_c   123.033
_cell.angle_alpha   90.00
_cell.angle_beta   90.00
_cell.angle_gamma   90.00
#
_symmetry.space_group_name_H-M   'P 21 21 21'
#
loop_
_entity.id
_entity.type
_entity.pdbx_description
1 polymer 'Kunitz-type protease inhibitor 2'
2 polymer Trypsin-3
3 non-polymer 2-acetamido-2-deoxy-beta-D-glucopyranose
4 non-polymer 'CALCIUM ION'
5 water water
#
loop_
_entity_poly.entity_id
_entity_poly.type
_entity_poly.pdbx_seq_one_letter_code
_entity_poly.pdbx_strand_id
1 'polypeptide(L)' IHDFCLVSKVVGRCRASMPRWWYNVTDGSCQLFVYGGCDGNSNNYLTKEECLKKC X
2 'polypeptide(L)'
;IVGGYTCEENSLPYQVSLNSGSHFCGGSLISEQWVVSAAHCYKTRIQVRLGEHNIKVLEGNEQFINAAKIIRHPKYNRDT
LDNDIMLIKLSSPAVINARVSTISLPTAPPAAGTECLISGWGNTLSFGADYPDELKCLDAPVLTQAECKASYPGKITNSM
FCVGFLEGGKDSCQRDAGGPVVCNGQLQGVVSWGHGCAWKNRPGVYTKVYNYVDWIKDTIAANS
;
A
#
# COMPACT_ATOMS: atom_id res chain seq x y z
N HIS A 2 -30.13 2.89 8.63
CA HIS A 2 -30.01 2.96 7.14
C HIS A 2 -28.54 3.03 6.76
N ASP A 3 -27.89 4.15 7.17
CA ASP A 3 -26.44 4.40 6.98
C ASP A 3 -25.59 3.23 7.52
N PHE A 4 -26.09 2.56 8.54
CA PHE A 4 -25.37 1.46 9.16
C PHE A 4 -25.67 0.08 8.60
N CYS A 5 -26.88 -0.05 8.01
CA CYS A 5 -27.34 -1.39 7.65
C CYS A 5 -27.92 -1.55 6.23
N LEU A 6 -28.35 -0.48 5.62
CA LEU A 6 -29.07 -0.58 4.32
C LEU A 6 -28.38 0.17 3.17
N VAL A 7 -27.07 0.29 3.25
CA VAL A 7 -26.26 0.90 2.17
C VAL A 7 -25.29 -0.23 1.83
N SER A 8 -24.81 -0.28 0.59
CA SER A 8 -24.01 -1.39 0.16
C SER A 8 -22.56 -1.05 0.57
N LYS A 9 -21.76 -2.08 0.51
CA LYS A 9 -20.35 -1.98 0.90
C LYS A 9 -19.58 -1.05 -0.03
N VAL A 10 -18.64 -0.32 0.57
CA VAL A 10 -17.78 0.62 -0.11
C VAL A 10 -16.31 0.33 0.25
N VAL A 11 -15.56 -0.02 -0.77
CA VAL A 11 -14.10 -0.20 -0.64
C VAL A 11 -13.39 1.12 -0.39
N GLY A 12 -13.81 2.17 -1.11
CA GLY A 12 -13.09 3.48 -1.05
C GLY A 12 -11.81 3.52 -1.85
N ARG A 13 -11.23 4.70 -1.88
CA ARG A 13 -10.07 4.98 -2.74
C ARG A 13 -8.75 4.46 -2.25
N CYS A 14 -8.64 4.26 -0.94
CA CYS A 14 -7.36 3.81 -0.41
C CYS A 14 -7.09 2.34 -0.80
N ARG A 15 -5.82 1.98 -0.81
CA ARG A 15 -5.35 0.72 -1.36
C ARG A 15 -4.84 -0.27 -0.35
N ALA A 16 -5.24 -0.16 0.93
CA ALA A 16 -4.94 -1.25 1.82
C ALA A 16 -5.94 -2.40 1.59
N SER A 17 -5.79 -3.52 2.28
CA SER A 17 -6.85 -4.52 2.27
C SER A 17 -7.20 -4.91 3.68
N MET A 18 -8.11 -4.17 4.24
CA MET A 18 -8.50 -4.40 5.60
C MET A 18 -9.83 -5.21 5.62
N PRO A 19 -9.82 -6.42 6.17
CA PRO A 19 -11.10 -7.20 6.15
C PRO A 19 -12.10 -6.60 7.12
N ARG A 20 -13.27 -6.29 6.58
CA ARG A 20 -14.33 -5.72 7.34
C ARG A 20 -15.62 -6.52 7.05
N TRP A 21 -16.60 -6.32 7.92
CA TRP A 21 -17.93 -6.92 7.77
C TRP A 21 -18.98 -5.90 7.38
N TRP A 22 -19.95 -6.31 6.55
CA TRP A 22 -21.05 -5.45 6.20
C TRP A 22 -22.34 -6.34 6.18
N TYR A 23 -23.44 -5.68 6.47
CA TYR A 23 -24.76 -6.31 6.48
C TYR A 23 -25.34 -6.20 5.08
N ASN A 24 -25.67 -7.35 4.52
CA ASN A 24 -26.35 -7.48 3.20
C ASN A 24 -27.82 -7.90 3.40
N VAL A 25 -28.71 -6.94 3.19
CA VAL A 25 -30.19 -7.12 3.40
C VAL A 25 -30.74 -8.28 2.57
N THR A 26 -30.18 -8.45 1.39
CA THR A 26 -30.63 -9.48 0.44
C THR A 26 -30.37 -10.87 1.00
N ASP A 27 -29.20 -10.99 1.65
CA ASP A 27 -28.73 -12.22 2.28
C ASP A 27 -29.20 -12.46 3.75
N GLY A 28 -29.52 -11.38 4.42
CA GLY A 28 -29.98 -11.40 5.79
C GLY A 28 -28.83 -11.63 6.71
N SER A 29 -27.61 -11.46 6.20
CA SER A 29 -26.42 -11.73 7.05
C SER A 29 -25.32 -10.66 6.88
N CYS A 30 -24.37 -10.77 7.78
CA CYS A 30 -23.09 -10.03 7.67
C CYS A 30 -22.06 -10.82 6.88
N GLN A 31 -21.33 -10.14 5.97
CA GLN A 31 -20.40 -10.81 5.10
C GLN A 31 -19.08 -10.00 5.13
N LEU A 32 -17.99 -10.68 4.88
CA LEU A 32 -16.65 -10.06 4.88
C LEU A 32 -16.49 -9.39 3.54
N PHE A 33 -15.81 -8.23 3.54
CA PHE A 33 -15.34 -7.59 2.34
C PHE A 33 -13.98 -6.90 2.61
N VAL A 34 -13.32 -6.47 1.56
CA VAL A 34 -12.06 -5.74 1.60
C VAL A 34 -12.36 -4.27 1.58
N TYR A 35 -11.96 -3.63 2.66
CA TYR A 35 -12.02 -2.23 2.80
C TYR A 35 -10.64 -1.61 2.52
N GLY A 36 -10.62 -0.54 1.73
CA GLY A 36 -9.34 0.10 1.33
C GLY A 36 -8.59 0.88 2.40
N GLY A 37 -9.30 1.24 3.48
CA GLY A 37 -8.71 1.97 4.54
C GLY A 37 -9.14 3.40 4.74
N CYS A 38 -9.86 3.97 3.81
CA CYS A 38 -10.38 5.33 4.00
C CYS A 38 -11.71 5.55 3.39
N ASP A 39 -12.40 6.58 3.88
CA ASP A 39 -13.68 6.97 3.34
C ASP A 39 -14.67 5.87 3.59
N GLY A 40 -15.42 5.53 2.58
CA GLY A 40 -16.35 4.43 2.83
C GLY A 40 -17.56 4.87 3.64
N ASN A 41 -18.30 3.94 4.23
CA ASN A 41 -19.57 4.31 4.90
C ASN A 41 -19.67 3.51 6.19
N SER A 42 -20.80 3.65 6.92
CA SER A 42 -20.91 3.10 8.27
C SER A 42 -21.34 1.64 8.32
N ASN A 43 -21.63 1.04 7.16
CA ASN A 43 -21.85 -0.38 7.05
C ASN A 43 -20.57 -1.21 6.87
N ASN A 44 -19.82 -1.22 7.98
CA ASN A 44 -18.36 -1.43 7.94
C ASN A 44 -17.99 -1.65 9.43
N TYR A 45 -17.86 -2.93 9.75
CA TYR A 45 -17.67 -3.42 11.13
C TYR A 45 -16.43 -4.25 11.26
N LEU A 46 -15.81 -4.19 12.45
CA LEU A 46 -14.61 -4.99 12.69
C LEU A 46 -14.84 -6.48 12.90
N THR A 47 -16.04 -6.81 13.37
CA THR A 47 -16.40 -8.20 13.53
C THR A 47 -17.84 -8.45 13.02
N LYS A 48 -18.09 -9.72 12.73
CA LYS A 48 -19.42 -10.26 12.51
C LYS A 48 -20.36 -9.99 13.64
N GLU A 49 -19.89 -10.21 14.88
CA GLU A 49 -20.73 -9.93 16.06
C GLU A 49 -21.22 -8.48 16.11
N GLU A 50 -20.30 -7.55 15.88
CA GLU A 50 -20.57 -6.13 15.89
C GLU A 50 -21.67 -5.80 14.85
N CYS A 51 -21.47 -6.32 13.66
CA CYS A 51 -22.35 -6.08 12.54
C CYS A 51 -23.80 -6.56 12.80
N LEU A 52 -23.92 -7.80 13.19
CA LEU A 52 -25.26 -8.38 13.56
C LEU A 52 -25.94 -7.59 14.68
N LYS A 53 -25.21 -7.29 15.76
CA LYS A 53 -25.76 -6.44 16.84
C LYS A 53 -26.38 -5.13 16.36
N LYS A 54 -25.75 -4.46 15.41
CA LYS A 54 -26.30 -3.21 14.92
C LYS A 54 -27.47 -3.49 13.98
N CYS A 55 -27.34 -4.54 13.19
CA CYS A 55 -28.16 -4.71 11.99
C CYS A 55 -29.13 -5.90 12.03
N ILE B 1 -1.88 -5.56 -7.91
CA ILE B 1 -1.38 -4.99 -9.20
C ILE B 1 -2.24 -5.59 -10.31
N VAL B 2 -2.90 -4.73 -11.06
CA VAL B 2 -3.71 -5.14 -12.17
C VAL B 2 -2.86 -4.97 -13.46
N GLY B 3 -2.85 -5.98 -14.33
CA GLY B 3 -2.20 -5.84 -15.62
C GLY B 3 -0.70 -5.93 -15.64
N GLY B 4 -0.15 -6.46 -14.56
CA GLY B 4 1.27 -6.69 -14.43
C GLY B 4 1.73 -8.08 -14.72
N TYR B 5 2.87 -8.39 -14.16
CA TYR B 5 3.51 -9.68 -14.33
C TYR B 5 4.00 -10.22 -13.02
N THR B 6 4.19 -11.54 -12.91
CA THR B 6 4.83 -12.11 -11.69
C THR B 6 6.28 -11.66 -11.63
N CYS B 7 6.69 -11.07 -10.53
CA CYS B 7 8.06 -10.60 -10.30
C CYS B 7 8.99 -11.81 -10.29
N GLU B 8 10.23 -11.58 -10.68
CA GLU B 8 11.26 -12.62 -10.54
C GLU B 8 11.56 -12.78 -9.05
N GLU B 9 11.84 -14.01 -8.64
CA GLU B 9 11.72 -14.34 -7.23
C GLU B 9 12.83 -13.74 -6.39
N ASN B 10 14.00 -13.45 -6.97
CA ASN B 10 15.10 -12.89 -6.22
C ASN B 10 15.32 -11.41 -6.40
N SER B 11 14.39 -10.73 -7.09
CA SER B 11 14.58 -9.40 -7.57
C SER B 11 14.04 -8.25 -6.70
N LEU B 12 13.24 -8.58 -5.69
CA LEU B 12 12.73 -7.47 -4.86
C LEU B 12 12.99 -7.75 -3.37
N PRO B 13 14.26 -7.77 -2.97
CA PRO B 13 14.64 -8.10 -1.59
C PRO B 13 14.23 -6.98 -0.59
N TYR B 14 13.86 -5.84 -1.13
CA TYR B 14 13.37 -4.68 -0.33
C TYR B 14 11.88 -4.68 -0.07
N GLN B 15 11.09 -5.49 -0.78
CA GLN B 15 9.63 -5.52 -0.61
C GLN B 15 9.27 -6.20 0.66
N VAL B 16 8.35 -5.62 1.44
CA VAL B 16 7.86 -6.24 2.65
C VAL B 16 6.34 -6.32 2.63
N SER B 17 5.80 -7.20 3.45
N SER B 17 5.77 -7.23 3.40
CA SER B 17 4.34 -7.37 3.62
CA SER B 17 4.30 -7.30 3.58
C SER B 17 4.03 -6.99 5.07
C SER B 17 4.05 -6.96 5.05
N LEU B 18 3.00 -6.20 5.29
CA LEU B 18 2.56 -5.88 6.64
C LEU B 18 1.36 -6.80 6.99
N ASN B 19 1.47 -7.51 8.11
N ASN B 19 1.44 -7.40 8.19
CA ASN B 19 0.52 -8.59 8.47
CA ASN B 19 0.46 -8.41 8.65
C ASN B 19 0.00 -8.34 9.91
C ASN B 19 -0.07 -8.04 10.04
N SER B 20 -1.43 -8.20 10.05
CA SER B 20 -2.03 -8.05 11.39
C SER B 20 -3.34 -8.69 11.26
N GLY B 21 -3.48 -9.97 11.43
CA GLY B 21 -4.95 -10.40 11.15
C GLY B 21 -5.15 -10.87 9.71
N SER B 22 -4.39 -10.24 8.83
CA SER B 22 -4.33 -10.56 7.42
C SER B 22 -3.16 -9.80 6.85
N HIS B 23 -2.76 -10.16 5.60
N HIS B 23 -2.83 -10.13 5.61
CA HIS B 23 -1.82 -9.35 4.81
CA HIS B 23 -1.91 -9.34 4.83
C HIS B 23 -2.62 -8.12 4.29
C HIS B 23 -2.67 -8.11 4.32
N PHE B 24 -2.29 -6.93 4.77
CA PHE B 24 -3.15 -5.74 4.61
C PHE B 24 -2.47 -4.58 3.88
N CYS B 25 -1.17 -4.59 3.79
CA CYS B 25 -0.47 -3.49 3.12
C CYS B 25 0.92 -4.01 2.80
N GLY B 26 1.62 -3.29 1.97
CA GLY B 26 3.04 -3.47 1.68
C GLY B 26 3.91 -2.43 2.38
N GLY B 27 5.20 -2.48 2.04
CA GLY B 27 6.19 -1.56 2.56
C GLY B 27 7.51 -1.83 1.87
N SER B 28 8.51 -1.00 2.23
CA SER B 28 9.88 -1.03 1.70
C SER B 28 10.87 -0.98 2.80
N LEU B 29 11.87 -1.88 2.77
CA LEU B 29 12.95 -1.91 3.77
C LEU B 29 13.99 -0.84 3.30
N ILE B 30 14.28 0.09 4.18
CA ILE B 30 15.18 1.19 3.86
C ILE B 30 16.49 1.22 4.74
N SER B 31 16.46 0.50 5.82
CA SER B 31 17.66 0.31 6.61
C SER B 31 17.46 -1.05 7.35
N GLU B 32 18.44 -1.46 8.15
CA GLU B 32 18.31 -2.72 8.82
C GLU B 32 17.11 -2.79 9.78
N GLN B 33 16.75 -1.64 10.35
CA GLN B 33 15.73 -1.60 11.36
C GLN B 33 14.43 -0.83 10.92
N TRP B 34 14.43 -0.25 9.73
CA TRP B 34 13.33 0.62 9.34
C TRP B 34 12.68 0.31 7.96
N VAL B 35 11.37 0.45 7.96
CA VAL B 35 10.51 0.24 6.81
C VAL B 35 9.69 1.51 6.58
N VAL B 36 9.51 1.86 5.29
CA VAL B 36 8.61 2.93 4.84
C VAL B 36 7.33 2.30 4.31
N SER B 37 6.16 2.87 4.69
CA SER B 37 4.88 2.43 4.20
C SER B 37 3.93 3.68 4.16
N ALA B 38 2.62 3.45 4.01
CA ALA B 38 1.60 4.49 3.96
C ALA B 38 1.03 4.71 5.34
N ALA B 39 0.80 5.98 5.67
CA ALA B 39 0.17 6.32 6.95
C ALA B 39 -1.23 5.70 7.12
N HIS B 40 -1.97 5.57 6.05
CA HIS B 40 -3.30 4.86 6.13
C HIS B 40 -3.20 3.37 6.42
N CYS B 41 -2.01 2.77 6.37
CA CYS B 41 -1.78 1.42 6.80
C CYS B 41 -1.54 1.30 8.29
N TYR B 42 -1.49 2.42 9.05
CA TYR B 42 -1.24 2.35 10.46
C TYR B 42 -2.13 1.38 11.23
N LYS B 43 -1.48 0.52 11.99
CA LYS B 43 -2.11 -0.26 13.06
C LYS B 43 -1.08 -0.38 14.18
N THR B 44 -1.53 -0.68 15.40
CA THR B 44 -0.58 -0.80 16.50
C THR B 44 0.16 -2.10 16.58
N ARG B 45 -0.47 -3.14 16.09
CA ARG B 45 0.11 -4.47 16.17
C ARG B 45 0.36 -4.93 14.72
N ILE B 46 1.63 -4.95 14.32
CA ILE B 46 2.04 -5.27 12.91
C ILE B 46 3.19 -6.27 13.04
N GLN B 47 3.07 -7.35 12.27
CA GLN B 47 4.25 -8.18 11.93
C GLN B 47 4.71 -7.84 10.49
N VAL B 48 5.97 -7.46 10.41
CA VAL B 48 6.66 -7.19 9.14
C VAL B 48 7.24 -8.44 8.59
N ARG B 49 6.89 -8.78 7.35
CA ARG B 49 7.38 -9.97 6.69
C ARG B 49 8.32 -9.62 5.55
N LEU B 50 9.57 -10.05 5.75
CA LEU B 50 10.70 -9.84 4.84
C LEU B 50 11.11 -11.19 4.18
N GLY B 51 11.74 -10.89 2.98
CA GLY B 51 12.30 -11.99 2.17
C GLY B 51 11.31 -12.80 1.41
N GLU B 52 10.06 -12.31 1.28
CA GLU B 52 9.01 -13.05 0.59
C GLU B 52 8.89 -12.78 -0.88
N HIS B 53 8.63 -13.86 -1.62
CA HIS B 53 8.07 -13.79 -2.95
C HIS B 53 6.68 -14.37 -2.96
N ASN B 54 6.48 -15.49 -2.28
CA ASN B 54 5.20 -16.12 -2.19
C ASN B 54 4.74 -16.01 -0.73
N ILE B 55 3.65 -15.31 -0.49
CA ILE B 55 3.21 -15.11 0.87
C ILE B 55 2.61 -16.31 1.53
N LYS B 56 2.40 -17.41 0.78
CA LYS B 56 1.84 -18.68 1.34
C LYS B 56 2.78 -19.86 1.41
N VAL B 57 3.96 -19.77 0.87
CA VAL B 57 4.92 -20.89 0.91
C VAL B 57 6.21 -20.39 1.56
N LEU B 58 6.83 -21.21 2.45
CA LEU B 58 8.10 -20.89 3.00
C LEU B 58 9.19 -21.30 2.04
N GLU B 59 9.82 -20.30 1.52
CA GLU B 59 10.94 -20.49 0.57
C GLU B 59 12.29 -20.68 1.18
N GLY B 60 12.46 -20.24 2.44
CA GLY B 60 13.65 -20.42 3.28
C GLY B 60 14.39 -19.16 3.69
N ASN B 61 13.90 -17.96 3.27
CA ASN B 61 14.58 -16.70 3.42
C ASN B 61 13.69 -15.78 4.25
N GLU B 62 12.57 -16.28 4.77
CA GLU B 62 11.57 -15.36 5.47
C GLU B 62 12.14 -14.89 6.79
N GLN B 63 11.95 -13.62 7.06
CA GLN B 63 12.14 -13.08 8.39
C GLN B 63 10.89 -12.28 8.76
N PHE B 64 10.15 -12.71 9.81
CA PHE B 64 8.91 -12.09 10.25
C PHE B 64 9.16 -11.47 11.58
N ILE B 65 9.13 -10.17 11.65
CA ILE B 65 9.61 -9.36 12.76
C ILE B 65 8.54 -8.37 13.19
N ASN B 66 8.24 -8.30 14.48
CA ASN B 66 7.27 -7.35 14.97
C ASN B 66 7.73 -5.90 14.77
N ALA B 67 6.75 -5.03 14.65
CA ALA B 67 6.95 -3.58 14.59
C ALA B 67 7.01 -3.05 16.02
N ALA B 68 8.13 -2.45 16.37
CA ALA B 68 8.36 -1.85 17.71
C ALA B 68 7.81 -0.41 17.80
N LYS B 69 7.97 0.36 16.75
CA LYS B 69 7.52 1.76 16.69
C LYS B 69 6.86 1.90 15.36
N ILE B 70 5.76 2.64 15.33
CA ILE B 70 5.01 2.93 14.08
C ILE B 70 4.68 4.42 14.09
N ILE B 71 5.27 5.14 13.17
CA ILE B 71 5.29 6.62 13.24
C ILE B 71 4.70 7.19 11.95
N ARG B 72 3.43 7.60 11.98
CA ARG B 72 2.80 8.31 10.89
C ARG B 72 3.46 9.73 10.75
N HIS B 73 3.49 10.25 9.48
CA HIS B 73 3.96 11.60 9.28
C HIS B 73 3.16 12.53 10.18
N PRO B 74 3.88 13.44 10.84
CA PRO B 74 3.22 14.34 11.77
C PRO B 74 2.21 15.27 11.19
N LYS B 75 2.14 15.42 9.87
CA LYS B 75 1.08 16.23 9.17
C LYS B 75 0.20 15.38 8.24
N TYR B 76 0.18 14.07 8.50
CA TYR B 76 -0.78 13.18 7.82
C TYR B 76 -2.20 13.73 8.07
N ASN B 77 -3.01 13.78 7.01
CA ASN B 77 -4.45 14.13 7.09
C ASN B 77 -5.25 13.02 6.47
N ARG B 78 -6.08 12.33 7.27
CA ARG B 78 -6.84 11.19 6.76
C ARG B 78 -7.97 11.59 5.80
N ASP B 79 -8.46 12.81 5.85
CA ASP B 79 -9.54 13.22 4.97
C ASP B 79 -9.04 13.56 3.54
N THR B 80 -7.88 14.18 3.42
CA THR B 80 -7.27 14.44 2.09
C THR B 80 -6.20 13.49 1.66
N LEU B 81 -5.68 12.72 2.58
CA LEU B 81 -4.54 11.79 2.35
C LEU B 81 -3.26 12.55 2.12
N ASP B 82 -3.21 13.83 2.51
CA ASP B 82 -1.98 14.55 2.50
C ASP B 82 -0.92 13.87 3.39
N ASN B 83 0.33 13.83 2.91
CA ASN B 83 1.45 13.29 3.70
C ASN B 83 1.14 11.82 4.13
N ASP B 84 0.76 11.01 3.16
CA ASP B 84 0.45 9.60 3.43
C ASP B 84 1.71 8.72 3.43
N ILE B 85 2.42 8.80 4.52
CA ILE B 85 3.67 8.07 4.69
C ILE B 85 3.87 7.78 6.14
N MET B 86 4.53 6.68 6.41
CA MET B 86 4.80 6.23 7.78
C MET B 86 6.13 5.46 7.79
N LEU B 87 6.74 5.49 8.95
CA LEU B 87 7.88 4.71 9.26
C LEU B 87 7.62 3.66 10.35
N ILE B 88 8.17 2.44 10.17
CA ILE B 88 8.12 1.38 11.10
C ILE B 88 9.54 1.04 11.52
N LYS B 89 9.79 1.03 12.82
CA LYS B 89 11.03 0.50 13.30
C LYS B 89 10.77 -0.96 13.78
N LEU B 90 11.58 -1.88 13.32
CA LEU B 90 11.51 -3.28 13.71
C LEU B 90 12.00 -3.55 15.14
N SER B 91 11.38 -4.55 15.77
CA SER B 91 11.73 -4.95 17.13
C SER B 91 13.13 -5.58 17.23
N SER B 92 13.60 -6.19 16.13
CA SER B 92 14.96 -6.68 15.93
C SER B 92 15.40 -6.28 14.50
N PRO B 93 16.69 -6.11 14.28
CA PRO B 93 17.17 -5.78 12.97
C PRO B 93 16.95 -6.93 12.04
N ALA B 94 16.72 -6.56 10.79
CA ALA B 94 16.73 -7.55 9.77
C ALA B 94 18.14 -7.93 9.52
N VAL B 95 18.29 -9.18 9.12
CA VAL B 95 19.62 -9.75 8.73
C VAL B 95 19.70 -9.63 7.25
N ILE B 96 20.71 -8.91 6.78
CA ILE B 96 20.86 -8.51 5.41
C ILE B 96 21.51 -9.63 4.65
N ASN B 97 20.85 -10.08 3.61
CA ASN B 97 21.37 -11.11 2.70
C ASN B 97 20.84 -10.93 1.26
N ALA B 98 21.03 -11.93 0.41
CA ALA B 98 20.63 -11.86 -0.99
C ALA B 98 19.13 -11.60 -1.12
N ARG B 99 18.31 -12.09 -0.18
CA ARG B 99 16.86 -12.00 -0.30
C ARG B 99 16.25 -10.93 0.61
N VAL B 100 17.06 -10.33 1.51
CA VAL B 100 16.57 -9.28 2.43
C VAL B 100 17.57 -8.16 2.41
N SER B 101 17.23 -7.06 1.77
CA SER B 101 18.10 -5.94 1.56
C SER B 101 17.35 -4.66 1.29
N THR B 102 18.06 -3.57 1.45
CA THR B 102 17.45 -2.21 1.44
C THR B 102 17.36 -1.61 0.05
N ILE B 103 16.40 -0.69 -0.07
CA ILE B 103 16.26 0.10 -1.26
C ILE B 103 16.72 1.55 -0.92
N SER B 104 17.52 2.10 -1.83
CA SER B 104 18.07 3.44 -1.70
C SER B 104 17.01 4.52 -1.63
N LEU B 105 17.19 5.48 -0.73
CA LEU B 105 16.36 6.69 -0.76
C LEU B 105 16.73 7.56 -1.95
N PRO B 106 15.76 8.28 -2.47
CA PRO B 106 16.05 9.04 -3.72
C PRO B 106 16.97 10.23 -3.51
N THR B 107 17.86 10.43 -4.49
CA THR B 107 18.80 11.59 -4.50
C THR B 107 18.47 12.57 -5.54
N ALA B 108 17.32 12.54 -6.24
CA ALA B 108 16.74 13.50 -7.14
C ALA B 108 15.28 13.35 -7.25
N PRO B 109 14.57 14.44 -7.51
CA PRO B 109 13.15 14.33 -7.61
C PRO B 109 12.70 13.48 -8.84
N PRO B 110 11.59 12.80 -8.70
CA PRO B 110 11.02 12.09 -9.87
C PRO B 110 10.46 12.99 -10.96
N ALA B 111 10.79 12.71 -12.22
CA ALA B 111 10.40 13.52 -13.35
C ALA B 111 9.47 12.73 -14.20
N ALA B 112 8.59 13.48 -14.86
CA ALA B 112 7.64 12.90 -15.79
C ALA B 112 8.36 12.10 -16.86
N GLY B 113 7.78 10.95 -17.16
CA GLY B 113 8.29 10.03 -18.14
C GLY B 113 9.28 9.02 -17.64
N THR B 114 9.83 9.16 -16.44
CA THR B 114 10.76 8.22 -15.88
C THR B 114 10.06 6.87 -15.68
N GLU B 115 10.76 5.82 -16.03
CA GLU B 115 10.22 4.44 -15.94
C GLU B 115 10.43 3.92 -14.52
N CYS B 116 9.37 3.35 -13.93
CA CYS B 116 9.43 2.81 -12.58
C CYS B 116 8.89 1.42 -12.52
N LEU B 117 9.14 0.78 -11.38
CA LEU B 117 8.68 -0.54 -11.07
C LEU B 117 7.83 -0.46 -9.78
N ILE B 118 6.55 -0.78 -9.92
CA ILE B 118 5.59 -0.86 -8.83
C ILE B 118 5.32 -2.33 -8.50
N SER B 119 5.28 -2.67 -7.21
CA SER B 119 5.09 -4.08 -6.86
C SER B 119 4.24 -4.27 -5.61
N GLY B 120 3.65 -5.46 -5.53
CA GLY B 120 2.82 -5.79 -4.40
C GLY B 120 1.98 -7.05 -4.58
N TRP B 121 1.26 -7.42 -3.53
CA TRP B 121 0.43 -8.64 -3.53
C TRP B 121 -1.04 -8.21 -3.66
N GLY B 122 -1.30 -7.06 -4.23
CA GLY B 122 -2.66 -6.55 -4.35
C GLY B 122 -3.53 -7.28 -5.38
N ASN B 123 -4.79 -6.96 -5.35
CA ASN B 123 -5.78 -7.49 -6.29
C ASN B 123 -5.23 -7.34 -7.69
N THR B 124 -5.45 -8.43 -8.46
CA THR B 124 -4.99 -8.45 -9.88
C THR B 124 -6.12 -8.14 -10.88
N LEU B 125 -7.33 -7.96 -10.35
CA LEU B 125 -8.53 -7.78 -11.23
C LEU B 125 -9.15 -6.40 -10.97
N SER B 126 -9.63 -5.80 -12.06
CA SER B 126 -10.57 -4.73 -12.02
C SER B 126 -11.99 -5.33 -11.85
N PHE B 127 -12.25 -6.50 -12.43
CA PHE B 127 -13.54 -7.23 -12.23
C PHE B 127 -13.45 -8.30 -11.17
N GLY B 128 -14.05 -8.03 -10.01
CA GLY B 128 -14.02 -8.95 -8.89
C GLY B 128 -12.67 -8.90 -8.18
N ALA B 129 -12.23 -10.06 -7.69
CA ALA B 129 -11.05 -10.16 -6.85
C ALA B 129 -10.23 -11.41 -7.05
N ASP B 130 -8.92 -11.27 -7.20
CA ASP B 130 -8.02 -12.40 -7.17
C ASP B 130 -6.71 -11.89 -6.56
N TYR B 131 -6.49 -12.29 -5.33
CA TYR B 131 -5.31 -11.83 -4.56
C TYR B 131 -4.25 -12.91 -4.69
N PRO B 132 -3.12 -12.56 -5.33
CA PRO B 132 -2.10 -13.56 -5.66
C PRO B 132 -1.17 -13.99 -4.54
N ASP B 133 -0.79 -15.30 -4.51
CA ASP B 133 0.27 -15.70 -3.55
C ASP B 133 1.63 -15.10 -3.94
N GLU B 134 1.93 -15.02 -5.26
CA GLU B 134 3.22 -14.50 -5.72
C GLU B 134 3.19 -13.02 -6.06
N LEU B 135 4.29 -12.42 -5.74
CA LEU B 135 4.43 -10.97 -5.84
C LEU B 135 4.35 -10.53 -7.33
N LYS B 136 3.55 -9.49 -7.59
N LYS B 136 3.55 -9.50 -7.59
CA LYS B 136 3.36 -8.93 -8.90
CA LYS B 136 3.35 -8.92 -8.90
C LYS B 136 4.08 -7.58 -9.04
C LYS B 136 4.08 -7.58 -9.04
N CYS B 137 4.44 -7.30 -10.30
CA CYS B 137 5.26 -6.16 -10.73
C CYS B 137 4.57 -5.48 -11.88
N LEU B 138 4.75 -4.15 -11.98
CA LEU B 138 4.20 -3.35 -13.05
C LEU B 138 5.27 -2.36 -13.46
N ASP B 139 5.51 -2.31 -14.76
CA ASP B 139 6.40 -1.34 -15.31
C ASP B 139 5.56 -0.09 -15.70
N ALA B 140 5.86 1.07 -15.15
CA ALA B 140 4.93 2.24 -15.33
C ALA B 140 5.73 3.53 -15.27
N PRO B 141 5.39 4.47 -16.11
CA PRO B 141 6.09 5.72 -16.12
C PRO B 141 5.43 6.81 -15.19
N VAL B 142 6.24 7.72 -14.73
CA VAL B 142 5.72 8.84 -13.96
C VAL B 142 4.93 9.73 -14.92
N LEU B 143 3.71 10.12 -14.56
CA LEU B 143 2.92 11.06 -15.34
C LEU B 143 3.19 12.54 -15.01
N THR B 144 2.76 13.43 -15.90
CA THR B 144 2.91 14.87 -15.64
C THR B 144 2.02 15.29 -14.56
N GLN B 145 2.47 16.25 -13.81
CA GLN B 145 1.57 16.77 -12.79
C GLN B 145 0.24 17.34 -13.35
N ALA B 146 0.26 17.93 -14.54
CA ALA B 146 -0.91 18.37 -15.21
C ALA B 146 -1.90 17.24 -15.45
N GLU B 147 -1.42 16.08 -15.91
CA GLU B 147 -2.27 14.89 -16.13
C GLU B 147 -2.84 14.40 -14.81
N CYS B 148 -2.03 14.39 -13.77
CA CYS B 148 -2.42 13.97 -12.40
C CYS B 148 -3.60 14.82 -11.89
N LYS B 149 -3.44 16.14 -11.95
CA LYS B 149 -4.50 17.08 -11.48
C LYS B 149 -5.73 17.03 -12.33
N ALA B 150 -5.56 16.80 -13.63
CA ALA B 150 -6.75 16.69 -14.49
C ALA B 150 -7.55 15.42 -14.22
N SER B 151 -6.85 14.36 -13.78
CA SER B 151 -7.47 13.09 -13.42
C SER B 151 -8.24 13.16 -12.09
N TYR B 152 -7.75 13.99 -11.16
CA TYR B 152 -8.31 14.13 -9.84
C TYR B 152 -8.45 15.59 -9.39
N PRO B 153 -9.40 16.30 -9.98
CA PRO B 153 -9.43 17.75 -9.76
C PRO B 153 -9.63 18.04 -8.29
N GLY B 154 -8.79 18.90 -7.79
CA GLY B 154 -8.82 19.39 -6.42
C GLY B 154 -8.36 18.46 -5.34
N LYS B 155 -7.86 17.28 -5.74
CA LYS B 155 -7.47 16.26 -4.80
C LYS B 155 -6.02 16.01 -4.71
N ILE B 156 -5.20 16.61 -5.59
CA ILE B 156 -3.79 16.33 -5.59
C ILE B 156 -3.03 17.32 -4.76
N THR B 157 -2.40 16.85 -3.70
CA THR B 157 -1.67 17.78 -2.81
C THR B 157 -0.17 17.78 -3.18
N ASN B 158 0.60 18.62 -2.48
CA ASN B 158 2.06 18.66 -2.71
C ASN B 158 2.81 17.35 -2.43
N SER B 159 2.19 16.44 -1.69
CA SER B 159 2.80 15.13 -1.34
C SER B 159 2.60 14.03 -2.37
N MET B 160 1.83 14.33 -3.40
CA MET B 160 1.27 13.31 -4.33
C MET B 160 1.72 13.47 -5.76
N PHE B 161 1.92 12.30 -6.40
CA PHE B 161 2.15 12.24 -7.83
C PHE B 161 1.53 11.00 -8.41
N CYS B 162 1.37 10.99 -9.72
CA CYS B 162 0.72 9.88 -10.41
C CYS B 162 1.73 9.15 -11.26
N VAL B 163 1.62 7.82 -11.27
CA VAL B 163 2.49 6.86 -11.95
C VAL B 163 1.55 5.84 -12.58
N GLY B 164 1.70 5.54 -13.87
CA GLY B 164 0.82 4.55 -14.50
C GLY B 164 0.37 5.05 -15.84
N PHE B 165 -0.94 4.73 -16.14
CA PHE B 165 -1.36 4.89 -17.55
C PHE B 165 -2.76 5.47 -17.51
N LEU B 166 -3.06 6.43 -18.39
CA LEU B 166 -4.39 6.99 -18.46
C LEU B 166 -5.36 6.07 -19.16
N GLU B 167 -4.87 5.26 -20.08
CA GLU B 167 -5.67 4.16 -20.62
C GLU B 167 -5.85 3.21 -19.44
N GLY B 168 -6.95 2.57 -19.34
CA GLY B 168 -7.09 1.67 -18.23
C GLY B 168 -6.26 0.41 -18.39
N GLY B 169 -6.30 -0.43 -17.38
CA GLY B 169 -5.80 -1.71 -17.47
C GLY B 169 -4.58 -2.10 -16.68
N LYS B 170 -3.79 -1.18 -16.26
CA LYS B 170 -2.50 -1.35 -15.57
C LYS B 170 -2.39 -0.37 -14.39
N ASP B 171 -2.39 -0.93 -13.18
CA ASP B 171 -2.41 -0.06 -11.97
C ASP B 171 -2.11 -0.86 -10.76
N SER B 172 -1.81 -0.18 -9.66
CA SER B 172 -1.86 -0.84 -8.35
C SER B 172 -3.27 -0.91 -7.83
N CYS B 173 -3.48 -1.68 -6.77
CA CYS B 173 -4.87 -1.95 -6.31
C CYS B 173 -4.87 -2.27 -4.84
N GLN B 174 -6.03 -2.63 -4.27
CA GLN B 174 -6.12 -3.00 -2.83
C GLN B 174 -5.15 -4.14 -2.46
N ARG B 175 -4.48 -3.91 -1.32
CA ARG B 175 -3.39 -4.63 -0.68
C ARG B 175 -2.02 -4.17 -1.12
N ASP B 176 -1.99 -3.38 -2.16
CA ASP B 176 -0.70 -2.79 -2.62
C ASP B 176 -0.26 -1.57 -1.82
N ALA B 177 -1.16 -0.93 -1.06
CA ALA B 177 -0.84 0.36 -0.38
C ALA B 177 0.38 0.16 0.51
N GLY B 178 1.18 1.20 0.57
CA GLY B 178 2.44 1.16 1.37
C GLY B 178 3.66 0.67 0.63
N GLY B 179 3.43 -0.08 -0.47
CA GLY B 179 4.50 -0.74 -1.23
C GLY B 179 5.25 0.27 -2.11
N PRO B 180 6.31 -0.19 -2.74
CA PRO B 180 7.31 0.59 -3.43
C PRO B 180 7.02 0.93 -4.86
N VAL B 181 7.42 2.15 -5.22
CA VAL B 181 7.58 2.57 -6.62
C VAL B 181 9.09 2.89 -6.72
N VAL B 182 9.83 2.13 -7.54
CA VAL B 182 11.28 2.22 -7.62
C VAL B 182 11.64 2.68 -9.03
N CYS B 183 12.44 3.72 -9.12
CA CYS B 183 12.85 4.28 -10.41
C CYS B 183 14.36 4.59 -10.32
N ASN B 184 15.10 4.24 -11.36
CA ASN B 184 16.62 4.53 -11.32
C ASN B 184 17.23 4.02 -9.99
N GLY B 185 16.80 2.84 -9.50
CA GLY B 185 17.36 2.19 -8.40
C GLY B 185 17.12 2.83 -7.07
N GLN B 186 16.08 3.67 -6.99
CA GLN B 186 15.72 4.41 -5.77
C GLN B 186 14.20 4.44 -5.52
N LEU B 187 13.86 4.52 -4.23
CA LEU B 187 12.49 4.53 -3.81
C LEU B 187 11.93 5.94 -4.10
N GLN B 188 11.02 6.09 -5.03
CA GLN B 188 10.41 7.37 -5.33
C GLN B 188 8.97 7.46 -4.88
N GLY B 189 8.37 6.35 -4.66
CA GLY B 189 6.93 6.39 -4.35
C GLY B 189 6.46 5.35 -3.37
N VAL B 190 5.36 5.69 -2.70
CA VAL B 190 4.62 4.75 -1.82
C VAL B 190 3.24 4.66 -2.38
N VAL B 191 2.76 3.47 -2.68
CA VAL B 191 1.38 3.29 -3.08
C VAL B 191 0.38 3.85 -2.06
N SER B 192 -0.56 4.64 -2.56
CA SER B 192 -1.51 5.38 -1.69
C SER B 192 -2.99 5.14 -2.07
N TRP B 193 -3.48 5.72 -3.19
CA TRP B 193 -4.90 5.67 -3.47
C TRP B 193 -5.14 5.81 -4.97
N GLY B 194 -6.40 5.68 -5.34
CA GLY B 194 -6.84 5.85 -6.74
C GLY B 194 -8.34 5.70 -6.78
N HIS B 195 -8.99 6.18 -7.81
CA HIS B 195 -10.45 5.98 -7.94
C HIS B 195 -10.66 4.70 -8.69
N GLY B 196 -11.02 3.49 -7.92
CA GLY B 196 -11.02 2.17 -8.55
C GLY B 196 -9.59 1.73 -8.77
N CYS B 197 -9.42 0.76 -9.62
CA CYS B 197 -8.08 0.21 -9.89
C CYS B 197 -8.03 0.00 -11.39
N ALA B 198 -7.10 0.64 -12.06
CA ALA B 198 -6.91 0.46 -13.52
C ALA B 198 -8.09 0.91 -14.36
N TRP B 199 -8.89 1.84 -13.87
CA TRP B 199 -9.97 2.47 -14.63
C TRP B 199 -9.44 3.57 -15.57
N LYS B 200 -10.17 3.85 -16.65
CA LYS B 200 -9.79 4.92 -17.58
C LYS B 200 -9.64 6.26 -16.87
N ASN B 201 -8.54 6.92 -17.15
CA ASN B 201 -8.23 8.25 -16.64
C ASN B 201 -8.16 8.41 -15.14
N ARG B 202 -7.89 7.31 -14.46
CA ARG B 202 -7.76 7.32 -13.01
C ARG B 202 -6.50 6.58 -12.59
N PRO B 203 -5.32 7.18 -12.92
CA PRO B 203 -4.07 6.53 -12.62
C PRO B 203 -3.91 6.38 -11.07
N GLY B 204 -2.93 5.61 -10.64
CA GLY B 204 -2.63 5.53 -9.24
C GLY B 204 -2.02 6.82 -8.75
N VAL B 205 -2.33 7.18 -7.52
CA VAL B 205 -1.77 8.29 -6.82
C VAL B 205 -0.81 7.74 -5.68
N TYR B 206 0.37 8.29 -5.62
CA TYR B 206 1.50 7.82 -4.84
C TYR B 206 2.09 8.95 -4.00
N THR B 207 2.66 8.61 -2.84
CA THR B 207 3.33 9.60 -2.03
C THR B 207 4.74 9.78 -2.61
N LYS B 208 5.11 11.04 -2.78
CA LYS B 208 6.41 11.44 -3.35
C LYS B 208 7.49 11.35 -2.25
N VAL B 209 8.18 10.23 -2.18
CA VAL B 209 9.18 9.94 -1.13
C VAL B 209 10.31 10.96 -1.03
N TYR B 210 10.67 11.54 -2.16
CA TYR B 210 11.76 12.49 -2.24
C TYR B 210 11.45 13.70 -1.33
N ASN B 211 10.18 14.02 -1.14
CA ASN B 211 9.82 15.12 -0.23
C ASN B 211 10.07 14.87 1.24
N TYR B 212 10.36 13.65 1.66
CA TYR B 212 10.45 13.24 3.05
C TYR B 212 11.79 12.68 3.37
N VAL B 213 12.81 12.87 2.52
CA VAL B 213 14.09 12.27 2.85
C VAL B 213 14.68 12.81 4.12
N ASP B 214 14.58 14.12 4.35
CA ASP B 214 15.02 14.63 5.63
C ASP B 214 14.24 14.17 6.85
N TRP B 215 12.92 14.05 6.71
CA TRP B 215 12.07 13.56 7.78
C TRP B 215 12.45 12.13 8.15
N ILE B 216 12.72 11.31 7.11
CA ILE B 216 13.05 9.92 7.34
C ILE B 216 14.39 9.83 8.04
N LYS B 217 15.36 10.54 7.52
CA LYS B 217 16.71 10.51 8.14
C LYS B 217 16.66 11.04 9.57
N ASP B 218 15.93 12.13 9.81
CA ASP B 218 15.84 12.69 11.15
C ASP B 218 15.10 11.82 12.14
N THR B 219 14.07 11.10 11.63
CA THR B 219 13.28 10.23 12.46
C THR B 219 14.08 9.04 12.87
N ILE B 220 14.85 8.51 11.95
CA ILE B 220 15.67 7.35 12.24
C ILE B 220 16.70 7.76 13.30
N ALA B 221 17.34 8.91 13.09
CA ALA B 221 18.37 9.37 14.02
C ALA B 221 17.81 9.61 15.42
N ALA B 222 16.60 10.16 15.55
CA ALA B 222 15.99 10.46 16.81
C ALA B 222 15.46 9.21 17.58
N ASN B 223 15.36 8.09 16.93
CA ASN B 223 14.76 6.91 17.48
C ASN B 223 15.76 5.81 17.45
N SER B 224 17.02 6.16 17.59
CA SER B 224 18.07 5.17 17.53
C SER B 224 18.40 4.80 18.94
#